data_3GPY
#
_entry.id   3GPY
#
_cell.length_a   44.904
_cell.length_b   95.207
_cell.length_c   102.238
_cell.angle_alpha   90.000
_cell.angle_beta   90.000
_cell.angle_gamma   90.000
#
_symmetry.space_group_name_H-M   'P 21 21 21'
#
loop_
_entity.id
_entity.type
_entity.pdbx_description
1 polymer 'DNA glycosylase'
2 polymer "DNA (5'-D(*AP*GP*GP*TP*AP*GP*AP*TP*CP*CP*GP*GP*AP*CP*GP*C)-3')"
3 polymer "DNA (5'-D(*T*GP*CP*GP*TP*CP*CP*(8OG)P*GP*AP*TP*CP*TP*AP*CP*C)-3')"
4 non-polymer 'ZINC ION'
5 water water
#
loop_
_entity_poly.entity_id
_entity_poly.type
_entity_poly.pdbx_seq_one_letter_code
_entity_poly.pdbx_strand_id
1 'polypeptide(L)'
;PQLPEVETIRRTLLPLIVGKTIEDVRIFWPNIIRHPRDSEAFAARMIGQTVRGLERRGKFLKFLLDRDALISHLRMEGRY
AVASALEPLEPHTHVVFCFTDGSELRYRDVRKFGTMHVYAKEEADRRPPLAELGPEPLSPAFSPAVLAERAVKTKRSVKA
LLLDCTVVAGFGNIYVDESLFRAGILPGRPAASLSSKEIERLHEEMVATIGEAVMKGGSTVRTYVNTQGEAGTFQHHLYV
YGRQGNPCKRCGTPIEKTVVAGRGTHYCPRCQR
;
A
2 'polydeoxyribonucleotide' (DA)(DG)(DG)(DT)(DA)(DG)(DA)(DT)(DC)(DC)(DG)(DG)(DA)(DC)(DG)(DC) B
3 'polydeoxyribonucleotide' (DT)(DG)(DC)(DG)(DT)(DC)(DC)(8OG)(DG)(DA)(DT)(DC)(DT)(DA)(DC)(DC) C
#
# COMPACT_ATOMS: atom_id res chain seq x y z
N PRO A 1 -3.08 -3.99 -0.76
CA PRO A 1 -1.76 -3.87 -0.16
C PRO A 1 -1.57 -2.53 0.52
N GLN A 2 -1.08 -2.55 1.76
CA GLN A 2 -0.78 -1.31 2.48
C GLN A 2 0.73 -1.24 2.57
N LEU A 3 1.27 -0.32 3.37
CA LEU A 3 2.73 -0.16 3.42
C LEU A 3 3.48 -1.51 3.61
N PRO A 4 3.08 -2.34 4.58
CA PRO A 4 3.89 -3.55 4.83
C PRO A 4 3.87 -4.51 3.62
N GLU A 5 2.72 -4.62 2.95
CA GLU A 5 2.59 -5.50 1.79
C GLU A 5 3.41 -4.98 0.61
N VAL A 6 3.29 -3.67 0.35
CA VAL A 6 4.04 -3.05 -0.76
C VAL A 6 5.57 -3.11 -0.49
N GLU A 7 5.96 -2.86 0.76
CA GLU A 7 7.37 -2.97 1.17
C GLU A 7 7.93 -4.38 0.94
N THR A 8 7.13 -5.42 1.23
CA THR A 8 7.57 -6.81 1.08
C THR A 8 7.67 -7.13 -0.41
N ILE A 9 6.67 -6.70 -1.18
CA ILE A 9 6.78 -6.81 -2.65
C ILE A 9 7.99 -6.12 -3.22
N ARG A 10 8.25 -4.86 -2.81
CA ARG A 10 9.45 -4.11 -3.24
C ARG A 10 10.73 -4.91 -3.00
N ARG A 11 10.88 -5.40 -1.77
N ARG A 11 10.90 -5.40 -1.77
CA ARG A 11 12.08 -6.14 -1.37
CA ARG A 11 12.11 -6.13 -1.41
C ARG A 11 12.29 -7.44 -2.14
C ARG A 11 12.29 -7.41 -2.23
N THR A 12 11.20 -8.15 -2.42
CA THR A 12 11.23 -9.44 -3.09
C THR A 12 11.26 -9.29 -4.62
N LEU A 13 10.81 -8.14 -5.13
CA LEU A 13 10.80 -7.92 -6.59
C LEU A 13 12.12 -7.38 -7.14
N LEU A 14 12.70 -6.43 -6.42
CA LEU A 14 13.89 -5.71 -6.92
C LEU A 14 14.99 -6.63 -7.52
N PRO A 15 15.42 -7.67 -6.79
CA PRO A 15 16.51 -8.48 -7.32
C PRO A 15 16.15 -9.24 -8.61
N LEU A 16 14.86 -9.43 -8.87
CA LEU A 16 14.40 -10.12 -10.08
C LEU A 16 14.39 -9.23 -11.32
N ILE A 17 14.51 -7.92 -11.14
CA ILE A 17 14.42 -7.00 -12.26
C ILE A 17 15.59 -6.04 -12.38
N VAL A 18 16.35 -5.85 -11.30
CA VAL A 18 17.41 -4.84 -11.35
C VAL A 18 18.41 -5.17 -12.47
N GLY A 19 18.79 -4.15 -13.25
CA GLY A 19 19.77 -4.29 -14.33
C GLY A 19 19.22 -4.83 -15.65
N LYS A 20 17.92 -5.11 -15.70
CA LYS A 20 17.32 -5.62 -16.93
C LYS A 20 16.84 -4.45 -17.79
N THR A 21 16.96 -4.62 -19.10
CA THR A 21 16.63 -3.58 -20.07
C THR A 21 15.32 -3.91 -20.76
N ILE A 22 14.43 -2.92 -20.80
CA ILE A 22 13.11 -3.10 -21.41
C ILE A 22 13.21 -3.16 -22.93
N GLU A 23 12.59 -4.20 -23.48
CA GLU A 23 12.55 -4.35 -24.96
C GLU A 23 11.17 -4.08 -25.58
N ASP A 24 10.10 -4.30 -24.81
CA ASP A 24 8.74 -4.03 -25.29
C ASP A 24 7.87 -3.81 -24.04
N VAL A 25 6.77 -3.08 -24.23
CA VAL A 25 5.79 -2.92 -23.16
C VAL A 25 4.45 -3.21 -23.83
N ARG A 26 3.74 -4.21 -23.31
CA ARG A 26 2.42 -4.58 -23.88
C ARG A 26 1.32 -4.29 -22.89
N ILE A 27 0.24 -3.68 -23.38
CA ILE A 27 -0.83 -3.21 -22.52
C ILE A 27 -2.13 -3.80 -23.01
N PHE A 28 -2.81 -4.52 -22.12
CA PHE A 28 -4.08 -5.18 -22.46
C PHE A 28 -5.29 -4.51 -21.79
N TRP A 29 -5.05 -3.60 -20.85
CA TRP A 29 -6.11 -2.80 -20.25
C TRP A 29 -5.62 -1.37 -20.08
N PRO A 30 -5.85 -0.54 -21.12
CA PRO A 30 -5.26 0.81 -21.14
C PRO A 30 -5.68 1.76 -20.00
N ASN A 31 -6.85 1.54 -19.39
N ASN A 31 -6.85 1.56 -19.38
CA ASN A 31 -7.32 2.35 -18.26
CA ASN A 31 -7.23 2.46 -18.29
C ASN A 31 -6.36 2.39 -17.05
C ASN A 31 -6.21 2.50 -17.15
N ILE A 32 -5.48 1.40 -16.95
CA ILE A 32 -4.43 1.35 -15.89
C ILE A 32 -3.37 2.44 -16.09
N ILE A 33 -3.09 2.74 -17.35
CA ILE A 33 -2.08 3.72 -17.70
C ILE A 33 -2.65 5.13 -17.56
N ARG A 34 -2.09 5.91 -16.62
CA ARG A 34 -2.68 7.21 -16.27
C ARG A 34 -1.85 8.37 -16.81
N HIS A 35 -0.54 8.16 -16.92
CA HIS A 35 0.35 9.18 -17.47
C HIS A 35 1.60 8.57 -18.07
N PRO A 36 1.95 8.93 -19.33
CA PRO A 36 1.11 9.67 -20.29
C PRO A 36 -0.20 8.91 -20.50
N ARG A 37 -1.31 9.61 -20.69
CA ARG A 37 -2.60 8.92 -20.80
C ARG A 37 -2.66 8.04 -22.05
N ASP A 38 -1.97 8.49 -23.12
CA ASP A 38 -1.81 7.70 -24.33
C ASP A 38 -0.91 6.49 -24.07
N SER A 39 -1.48 5.30 -24.03
CA SER A 39 -0.70 4.12 -23.64
C SER A 39 0.42 3.82 -24.64
N GLU A 40 0.29 4.31 -25.88
CA GLU A 40 1.33 4.14 -26.90
C GLU A 40 2.59 4.94 -26.54
N ALA A 41 2.39 6.13 -25.97
CA ALA A 41 3.51 6.97 -25.51
C ALA A 41 4.17 6.39 -24.26
N PHE A 42 3.33 5.91 -23.34
CA PHE A 42 3.80 5.19 -22.15
C PHE A 42 4.73 4.03 -22.53
N ALA A 43 4.27 3.16 -23.43
CA ALA A 43 5.08 2.03 -23.91
C ALA A 43 6.37 2.47 -24.62
N ALA A 44 6.22 3.38 -25.57
CA ALA A 44 7.35 3.83 -26.36
C ALA A 44 8.46 4.40 -25.49
N ARG A 45 8.12 5.20 -24.49
CA ARG A 45 9.16 5.90 -23.73
C ARG A 45 9.95 4.95 -22.83
N MET A 46 9.37 3.83 -22.46
CA MET A 46 10.07 2.92 -21.57
C MET A 46 11.03 1.98 -22.30
N ILE A 47 10.74 1.69 -23.56
CA ILE A 47 11.66 0.86 -24.38
C ILE A 47 13.11 1.38 -24.37
N GLY A 48 14.04 0.49 -24.06
CA GLY A 48 15.46 0.81 -24.05
C GLY A 48 15.99 1.27 -22.70
N GLN A 49 15.09 1.53 -21.75
CA GLN A 49 15.52 1.87 -20.41
C GLN A 49 15.80 0.63 -19.58
N THR A 50 16.71 0.80 -18.64
CA THR A 50 17.15 -0.29 -17.76
C THR A 50 16.65 -0.01 -16.35
N VAL A 51 16.15 -1.06 -15.70
CA VAL A 51 15.75 -0.95 -14.28
C VAL A 51 16.98 -0.74 -13.37
N ARG A 52 17.02 0.42 -12.71
CA ARG A 52 18.15 0.77 -11.85
C ARG A 52 17.83 0.58 -10.36
N GLY A 53 16.56 0.69 -10.01
CA GLY A 53 16.19 0.59 -8.62
C GLY A 53 14.68 0.49 -8.44
N LEU A 54 14.28 0.24 -7.20
CA LEU A 54 12.87 0.09 -6.85
C LEU A 54 12.65 0.59 -5.44
N GLU A 55 11.88 1.66 -5.33
CA GLU A 55 11.61 2.30 -4.04
C GLU A 55 10.13 2.21 -3.74
N ARG A 56 9.76 2.57 -2.51
CA ARG A 56 8.37 2.63 -2.12
C ARG A 56 8.11 3.99 -1.49
N ARG A 57 7.00 4.60 -1.85
CA ARG A 57 6.49 5.79 -1.19
C ARG A 57 5.04 5.52 -0.83
N GLY A 58 4.72 5.47 0.47
CA GLY A 58 3.37 5.10 0.87
C GLY A 58 3.03 3.70 0.36
N LYS A 59 1.91 3.60 -0.35
CA LYS A 59 1.48 2.34 -0.97
C LYS A 59 1.94 2.22 -2.44
N PHE A 60 2.76 3.18 -2.90
CA PHE A 60 3.23 3.17 -4.30
C PHE A 60 4.59 2.51 -4.45
N LEU A 61 4.77 1.74 -5.52
CA LEU A 61 6.11 1.32 -5.95
C LEU A 61 6.62 2.38 -6.92
N LYS A 62 7.90 2.70 -6.81
CA LYS A 62 8.56 3.62 -7.73
C LYS A 62 9.73 2.88 -8.38
N PHE A 63 9.50 2.45 -9.62
CA PHE A 63 10.54 1.81 -10.40
C PHE A 63 11.43 2.91 -10.96
N LEU A 64 12.73 2.83 -10.66
CA LEU A 64 13.67 3.82 -11.18
C LEU A 64 14.33 3.25 -12.40
N LEU A 65 14.14 3.93 -13.53
CA LEU A 65 14.70 3.48 -14.83
C LEU A 65 15.91 4.35 -15.19
N ASP A 66 16.08 4.72 -16.45
CA ASP A 66 17.22 5.57 -16.78
C ASP A 66 16.86 7.03 -16.61
N ARG A 67 15.97 7.52 -17.45
CA ARG A 67 15.52 8.89 -17.31
C ARG A 67 14.21 9.00 -16.53
N ASP A 68 13.44 7.92 -16.51
CA ASP A 68 12.07 7.93 -15.98
C ASP A 68 11.92 7.19 -14.67
N ALA A 69 10.84 7.50 -13.95
CA ALA A 69 10.36 6.72 -12.81
C ALA A 69 8.98 6.22 -13.20
N LEU A 70 8.69 4.95 -12.90
CA LEU A 70 7.36 4.40 -13.11
C LEU A 70 6.72 4.25 -11.73
N ILE A 71 5.60 4.95 -11.54
CA ILE A 71 4.93 4.98 -10.24
C ILE A 71 3.72 4.05 -10.33
N SER A 72 3.72 2.98 -9.55
CA SER A 72 2.69 1.93 -9.64
C SER A 72 1.89 1.79 -8.33
N HIS A 73 0.55 1.82 -8.41
CA HIS A 73 -0.34 1.54 -7.27
C HIS A 73 -1.04 0.22 -7.54
N LEU A 74 -0.90 -0.74 -6.64
CA LEU A 74 -1.53 -2.05 -6.81
C LEU A 74 -3.03 -2.02 -6.44
N ARG A 75 -3.42 -0.96 -5.75
CA ARG A 75 -4.75 -0.83 -5.15
C ARG A 75 -5.19 -2.10 -4.38
N MET A 76 -6.28 -2.73 -4.77
CA MET A 76 -6.82 -3.87 -4.01
C MET A 76 -6.25 -5.25 -4.35
N GLU A 77 -5.92 -5.48 -5.62
CA GLU A 77 -5.61 -6.84 -6.11
C GLU A 77 -4.37 -6.91 -7.01
N GLY A 78 -3.72 -5.78 -7.24
CA GLY A 78 -2.58 -5.74 -8.16
C GLY A 78 -1.38 -6.51 -7.61
N ARG A 79 -0.61 -7.12 -8.51
CA ARG A 79 0.56 -7.87 -8.11
C ARG A 79 1.49 -8.02 -9.29
N TYR A 80 2.77 -8.22 -8.98
CA TYR A 80 3.79 -8.39 -10.02
C TYR A 80 4.41 -9.76 -9.89
N ALA A 81 4.78 -10.34 -11.05
CA ALA A 81 5.56 -11.57 -11.09
C ALA A 81 6.57 -11.44 -12.23
N VAL A 82 7.67 -12.17 -12.14
CA VAL A 82 8.66 -12.23 -13.25
C VAL A 82 8.66 -13.65 -13.79
N ALA A 83 8.55 -13.78 -15.10
CA ALA A 83 8.44 -15.11 -15.74
C ALA A 83 9.01 -15.07 -17.15
N SER A 84 9.12 -16.23 -17.79
CA SER A 84 9.67 -16.33 -19.15
C SER A 84 8.66 -15.86 -20.21
N ALA A 85 9.17 -15.18 -21.23
CA ALA A 85 8.36 -14.76 -22.38
C ALA A 85 7.81 -15.97 -23.19
N LEU A 86 8.35 -17.15 -22.94
CA LEU A 86 7.94 -18.34 -23.69
C LEU A 86 6.67 -19.00 -23.14
N GLU A 87 6.30 -18.65 -21.91
CA GLU A 87 5.12 -19.24 -21.28
C GLU A 87 3.85 -18.40 -21.53
N PRO A 88 2.67 -19.05 -21.62
CA PRO A 88 1.42 -18.32 -21.70
C PRO A 88 1.20 -17.48 -20.45
N LEU A 89 0.54 -16.34 -20.62
CA LEU A 89 0.27 -15.45 -19.49
C LEU A 89 -0.78 -16.03 -18.59
N GLU A 90 -0.74 -15.67 -17.32
CA GLU A 90 -1.79 -16.06 -16.38
C GLU A 90 -3.01 -15.16 -16.64
N PRO A 91 -4.20 -15.59 -16.19
CA PRO A 91 -5.40 -14.77 -16.34
C PRO A 91 -5.24 -13.41 -15.65
N HIS A 92 -5.93 -12.40 -16.18
CA HIS A 92 -5.96 -11.05 -15.58
C HIS A 92 -4.59 -10.34 -15.63
N THR A 93 -3.77 -10.68 -16.62
CA THR A 93 -2.50 -9.98 -16.84
C THR A 93 -2.79 -8.80 -17.77
N HIS A 94 -2.55 -7.58 -17.27
CA HIS A 94 -2.97 -6.37 -18.01
C HIS A 94 -1.83 -5.53 -18.56
N VAL A 95 -0.63 -5.66 -17.98
CA VAL A 95 0.55 -4.97 -18.51
C VAL A 95 1.73 -5.91 -18.39
N VAL A 96 2.55 -5.96 -19.43
CA VAL A 96 3.74 -6.78 -19.47
C VAL A 96 4.92 -5.95 -19.95
N PHE A 97 6.01 -5.98 -19.18
CA PHE A 97 7.26 -5.35 -19.57
C PHE A 97 8.20 -6.48 -19.98
N CYS A 98 8.55 -6.50 -21.26
CA CYS A 98 9.43 -7.53 -21.80
C CYS A 98 10.89 -7.09 -21.71
N PHE A 99 11.74 -7.94 -21.16
CA PHE A 99 13.17 -7.58 -21.07
C PHE A 99 13.99 -8.26 -22.16
N THR A 100 15.16 -7.69 -22.43
CA THR A 100 16.10 -8.20 -23.47
C THR A 100 16.66 -9.60 -23.17
N ASP A 101 16.52 -10.07 -21.93
CA ASP A 101 17.01 -11.41 -21.56
C ASP A 101 15.93 -12.50 -21.66
N GLY A 102 14.79 -12.16 -22.25
CA GLY A 102 13.71 -13.13 -22.47
C GLY A 102 12.80 -13.34 -21.27
N SER A 103 13.03 -12.58 -20.19
CA SER A 103 12.10 -12.59 -19.05
C SER A 103 11.15 -11.41 -19.18
N GLU A 104 10.11 -11.41 -18.35
CA GLU A 104 9.06 -10.39 -18.39
C GLU A 104 8.63 -10.03 -16.98
N LEU A 105 8.35 -8.75 -16.76
CA LEU A 105 7.65 -8.34 -15.54
C LEU A 105 6.15 -8.26 -15.89
N ARG A 106 5.32 -9.06 -15.21
CA ARG A 106 3.88 -9.12 -15.51
C ARG A 106 3.10 -8.47 -14.40
N TYR A 107 2.17 -7.59 -14.78
CA TYR A 107 1.24 -6.98 -13.83
C TYR A 107 -0.13 -7.62 -13.96
N ARG A 108 -0.60 -8.27 -12.89
CA ARG A 108 -1.93 -8.88 -12.86
C ARG A 108 -2.80 -8.11 -11.89
N ASP A 109 -4.08 -7.96 -12.22
CA ASP A 109 -4.99 -7.18 -11.36
C ASP A 109 -6.40 -7.54 -11.72
N VAL A 110 -6.99 -8.48 -10.97
CA VAL A 110 -8.34 -8.97 -11.30
C VAL A 110 -9.36 -7.84 -11.39
N ARG A 111 -9.30 -6.85 -10.48
CA ARG A 111 -10.32 -5.79 -10.45
C ARG A 111 -9.96 -4.57 -11.34
N LYS A 112 -8.74 -4.57 -11.85
CA LYS A 112 -8.26 -3.52 -12.76
C LYS A 112 -8.19 -2.13 -12.13
N PHE A 113 -8.09 -2.06 -10.81
CA PHE A 113 -8.06 -0.79 -10.11
C PHE A 113 -6.69 -0.09 -10.16
N GLY A 114 -5.63 -0.88 -10.39
CA GLY A 114 -4.25 -0.37 -10.28
C GLY A 114 -3.98 0.79 -11.24
N THR A 115 -2.96 1.56 -10.94
CA THR A 115 -2.59 2.72 -11.77
C THR A 115 -1.09 2.73 -12.05
N MET A 116 -0.73 3.29 -13.20
CA MET A 116 0.68 3.51 -13.55
C MET A 116 0.85 4.91 -14.14
N HIS A 117 1.84 5.64 -13.62
CA HIS A 117 2.21 6.96 -14.10
C HIS A 117 3.71 6.93 -14.36
N VAL A 118 4.14 7.42 -15.52
CA VAL A 118 5.58 7.56 -15.79
C VAL A 118 5.94 9.04 -15.99
N TYR A 119 6.97 9.50 -15.27
CA TYR A 119 7.49 10.86 -15.43
C TYR A 119 9.02 10.79 -15.42
N ALA A 120 9.67 11.85 -15.92
CA ALA A 120 11.11 12.00 -15.69
C ALA A 120 11.35 11.91 -14.18
N LYS A 121 12.45 11.29 -13.77
CA LYS A 121 12.73 11.07 -12.33
C LYS A 121 12.57 12.33 -11.47
N GLU A 122 13.12 13.44 -11.96
CA GLU A 122 13.15 14.71 -11.21
C GLU A 122 11.76 15.35 -11.07
N GLU A 123 10.78 14.88 -11.86
CA GLU A 123 9.41 15.41 -11.82
C GLU A 123 8.47 14.58 -10.98
N ALA A 124 8.76 13.28 -10.82
CA ALA A 124 7.79 12.35 -10.22
C ALA A 124 7.27 12.81 -8.87
N ASP A 125 8.16 13.32 -8.00
CA ASP A 125 7.75 13.71 -6.64
C ASP A 125 6.87 14.96 -6.57
N ARG A 126 6.86 15.78 -7.61
CA ARG A 126 6.03 16.99 -7.60
C ARG A 126 4.76 16.89 -8.45
N ARG A 127 4.44 15.69 -8.93
CA ARG A 127 3.27 15.46 -9.77
C ARG A 127 2.40 14.39 -9.10
N PRO A 128 1.11 14.27 -9.52
CA PRO A 128 0.33 13.15 -8.99
C PRO A 128 0.89 11.82 -9.48
N PRO A 129 0.74 10.76 -8.68
CA PRO A 129 -0.01 10.73 -7.42
C PRO A 129 0.85 10.92 -6.16
N LEU A 130 2.15 11.15 -6.33
CA LEU A 130 3.07 11.27 -5.21
C LEU A 130 3.05 12.63 -4.52
N ALA A 131 2.72 13.69 -5.27
CA ALA A 131 2.78 15.06 -4.74
C ALA A 131 2.05 15.28 -3.39
N GLU A 132 0.84 14.73 -3.26
CA GLU A 132 0.00 15.05 -2.11
C GLU A 132 0.29 14.20 -0.87
N LEU A 133 1.15 13.20 -1.03
CA LEU A 133 1.38 12.19 0.00
C LEU A 133 1.92 12.74 1.33
N GLY A 134 1.35 12.28 2.43
CA GLY A 134 1.87 12.62 3.74
C GLY A 134 3.14 11.86 4.09
N PRO A 135 3.67 12.10 5.30
CA PRO A 135 4.96 11.54 5.71
C PRO A 135 4.98 10.01 5.88
N GLU A 136 6.16 9.43 5.65
CA GLU A 136 6.38 8.01 5.90
C GLU A 136 6.24 7.76 7.40
N PRO A 137 5.39 6.79 7.77
CA PRO A 137 5.12 6.60 9.20
C PRO A 137 6.32 6.10 10.00
N LEU A 138 7.27 5.41 9.34
CA LEU A 138 8.45 4.92 10.05
C LEU A 138 9.61 5.92 10.00
N SER A 139 9.29 7.18 9.69
CA SER A 139 10.29 8.23 9.58
C SER A 139 10.06 9.30 10.65
N PRO A 140 11.11 10.10 10.98
CA PRO A 140 10.96 11.22 11.93
C PRO A 140 9.90 12.22 11.48
N ALA A 141 9.61 12.26 10.17
CA ALA A 141 8.60 13.19 9.62
C ALA A 141 7.19 12.90 10.14
N PHE A 142 6.95 11.68 10.61
CA PHE A 142 5.68 11.38 11.25
C PHE A 142 5.85 11.33 12.77
N SER A 143 5.25 12.29 13.47
CA SER A 143 5.36 12.40 14.92
C SER A 143 3.98 12.62 15.53
N PRO A 144 3.87 12.57 16.87
CA PRO A 144 2.57 12.86 17.47
C PRO A 144 2.11 14.29 17.11
N ALA A 145 3.04 15.25 17.09
CA ALA A 145 2.72 16.63 16.73
C ALA A 145 2.09 16.74 15.35
N VAL A 146 2.66 16.05 14.36
CA VAL A 146 2.11 15.99 13.01
C VAL A 146 0.72 15.35 12.98
N LEU A 147 0.52 14.32 13.78
CA LEU A 147 -0.79 13.73 13.88
C LEU A 147 -1.79 14.68 14.57
N ALA A 148 -1.37 15.30 15.67
CA ALA A 148 -2.26 16.22 16.42
C ALA A 148 -2.68 17.42 15.59
N GLU A 149 -1.74 17.95 14.80
CA GLU A 149 -1.98 19.12 13.93
C GLU A 149 -3.15 18.89 12.97
N ARG A 150 -3.26 17.67 12.42
CA ARG A 150 -4.38 17.32 11.57
C ARG A 150 -5.64 16.96 12.36
N ALA A 151 -5.46 16.20 13.44
CA ALA A 151 -6.58 15.72 14.26
C ALA A 151 -7.39 16.86 14.90
N VAL A 152 -6.70 17.91 15.34
CA VAL A 152 -7.39 18.95 16.12
C VAL A 152 -8.35 19.78 15.26
N LYS A 153 -8.06 19.80 13.96
CA LYS A 153 -8.74 20.63 12.95
C LYS A 153 -10.05 20.04 12.43
N THR A 154 -10.36 18.80 12.76
CA THR A 154 -11.49 18.13 12.10
C THR A 154 -12.33 17.25 13.03
N LYS A 155 -13.64 17.23 12.80
CA LYS A 155 -14.55 16.35 13.51
C LYS A 155 -14.79 15.03 12.76
N ARG A 156 -14.14 14.86 11.61
CA ARG A 156 -14.24 13.58 10.87
C ARG A 156 -13.82 12.42 11.79
N SER A 157 -14.32 11.23 11.51
CA SER A 157 -13.94 10.07 12.33
C SER A 157 -12.41 9.89 12.30
N VAL A 158 -11.86 9.38 13.41
CA VAL A 158 -10.41 9.15 13.45
C VAL A 158 -10.03 8.10 12.39
N LYS A 159 -10.92 7.16 12.10
CA LYS A 159 -10.66 6.22 11.01
C LYS A 159 -10.49 6.94 9.67
N ALA A 160 -11.42 7.84 9.35
CA ALA A 160 -11.32 8.60 8.09
C ALA A 160 -10.01 9.38 8.03
N LEU A 161 -9.61 9.96 9.16
CA LEU A 161 -8.33 10.67 9.25
C LEU A 161 -7.15 9.77 8.88
N LEU A 162 -7.08 8.58 9.47
CA LEU A 162 -5.90 7.71 9.28
C LEU A 162 -5.88 7.08 7.89
N LEU A 163 -7.04 7.00 7.23
CA LEU A 163 -7.11 6.45 5.88
C LEU A 163 -6.71 7.51 4.84
N ASP A 164 -6.59 8.75 5.31
CA ASP A 164 -6.28 9.88 4.42
C ASP A 164 -4.78 9.96 4.19
N CYS A 165 -4.35 9.61 2.98
CA CYS A 165 -2.93 9.51 2.65
C CYS A 165 -2.16 10.84 2.82
N THR A 166 -2.88 11.96 2.86
CA THR A 166 -2.23 13.27 3.09
C THR A 166 -1.86 13.49 4.55
N VAL A 167 -2.53 12.77 5.46
CA VAL A 167 -2.21 12.85 6.89
C VAL A 167 -0.91 12.09 7.17
N VAL A 168 -0.87 10.84 6.72
CA VAL A 168 0.26 9.94 6.91
C VAL A 168 0.15 8.90 5.79
N ALA A 169 1.28 8.50 5.22
CA ALA A 169 1.25 7.56 4.11
C ALA A 169 1.16 6.12 4.62
N GLY A 170 0.48 5.25 3.89
CA GLY A 170 0.68 3.82 4.07
C GLY A 170 -0.36 3.00 4.82
N PHE A 171 -1.31 3.64 5.51
CA PHE A 171 -2.28 2.91 6.32
C PHE A 171 -3.58 2.67 5.53
N GLY A 172 -4.07 1.44 5.60
CA GLY A 172 -5.34 1.09 4.99
C GLY A 172 -6.24 0.39 5.99
N ASN A 173 -7.22 -0.35 5.50
CA ASN A 173 -8.28 -0.84 6.36
C ASN A 173 -7.80 -1.75 7.50
N ILE A 174 -6.79 -2.56 7.24
CA ILE A 174 -6.28 -3.46 8.27
C ILE A 174 -5.57 -2.69 9.39
N TYR A 175 -4.58 -1.88 9.01
CA TYR A 175 -3.68 -1.32 9.99
C TYR A 175 -4.31 -0.16 10.71
N VAL A 176 -5.31 0.49 10.10
CA VAL A 176 -6.08 1.51 10.81
C VAL A 176 -6.89 0.85 11.94
N ASP A 177 -7.63 -0.21 11.63
CA ASP A 177 -8.42 -0.87 12.67
C ASP A 177 -7.52 -1.42 13.80
N GLU A 178 -6.41 -2.02 13.41
CA GLU A 178 -5.50 -2.64 14.36
C GLU A 178 -4.83 -1.60 15.25
N SER A 179 -4.42 -0.47 14.67
CA SER A 179 -3.77 0.61 15.43
C SER A 179 -4.74 1.22 16.43
N LEU A 180 -5.98 1.40 16.01
CA LEU A 180 -6.98 1.99 16.88
C LEU A 180 -7.31 1.04 18.05
N PHE A 181 -7.42 -0.25 17.75
CA PHE A 181 -7.63 -1.22 18.83
C PHE A 181 -6.47 -1.16 19.83
N ARG A 182 -5.25 -1.22 19.33
CA ARG A 182 -4.08 -1.23 20.19
C ARG A 182 -3.92 0.06 21.01
N ALA A 183 -4.40 1.17 20.47
CA ALA A 183 -4.37 2.47 21.17
C ALA A 183 -5.58 2.69 22.09
N GLY A 184 -6.58 1.81 22.00
CA GLY A 184 -7.78 1.90 22.85
C GLY A 184 -8.78 2.97 22.42
N ILE A 185 -8.84 3.26 21.13
CA ILE A 185 -9.65 4.35 20.59
C ILE A 185 -10.69 3.80 19.61
N LEU A 186 -11.96 4.15 19.84
CA LEU A 186 -13.04 3.73 18.93
C LEU A 186 -12.90 4.41 17.56
N PRO A 187 -13.11 3.65 16.48
CA PRO A 187 -12.82 4.18 15.13
C PRO A 187 -13.75 5.31 14.71
N GLY A 188 -14.93 5.38 15.32
CA GLY A 188 -15.89 6.44 15.02
C GLY A 188 -15.69 7.72 15.83
N ARG A 189 -14.74 7.73 16.77
CA ARG A 189 -14.41 8.97 17.52
C ARG A 189 -14.08 10.13 16.58
N PRO A 190 -14.67 11.33 16.81
CA PRO A 190 -14.24 12.48 16.01
C PRO A 190 -12.77 12.75 16.32
N ALA A 191 -11.97 13.01 15.29
CA ALA A 191 -10.53 13.22 15.48
C ALA A 191 -10.24 14.30 16.52
N ALA A 192 -11.04 15.38 16.49
CA ALA A 192 -10.83 16.52 17.39
C ALA A 192 -11.12 16.17 18.85
N SER A 193 -11.76 15.02 19.08
CA SER A 193 -12.07 14.56 20.43
C SER A 193 -10.91 13.85 21.13
N LEU A 194 -9.86 13.54 20.40
CA LEU A 194 -8.73 12.80 20.95
C LEU A 194 -7.89 13.68 21.86
N SER A 195 -7.57 13.18 23.04
CA SER A 195 -6.75 13.92 23.97
C SER A 195 -5.30 13.86 23.51
N SER A 196 -4.48 14.71 24.10
CA SER A 196 -3.05 14.72 23.83
C SER A 196 -2.44 13.33 24.08
N LYS A 197 -2.83 12.71 25.20
CA LYS A 197 -2.38 11.36 25.54
C LYS A 197 -2.84 10.27 24.54
N GLU A 198 -4.08 10.38 24.09
CA GLU A 198 -4.63 9.45 23.09
C GLU A 198 -3.86 9.56 21.77
N ILE A 199 -3.52 10.78 21.37
CA ILE A 199 -2.75 11.00 20.13
C ILE A 199 -1.35 10.38 20.23
N GLU A 200 -0.71 10.51 21.38
CA GLU A 200 0.63 9.94 21.59
C GLU A 200 0.56 8.42 21.52
N ARG A 201 -0.45 7.86 22.17
CA ARG A 201 -0.66 6.43 22.23
C ARG A 201 -0.93 5.91 20.81
N LEU A 202 -1.73 6.67 20.05
CA LEU A 202 -2.10 6.27 18.69
C LEU A 202 -0.90 6.29 17.77
N HIS A 203 -0.08 7.35 17.86
CA HIS A 203 1.14 7.43 17.07
C HIS A 203 2.06 6.22 17.37
N GLU A 204 2.22 5.93 18.67
CA GLU A 204 3.08 4.83 19.12
C GLU A 204 2.61 3.49 18.55
N GLU A 205 1.31 3.23 18.63
CA GLU A 205 0.77 1.98 18.13
C GLU A 205 0.77 1.87 16.62
N MET A 206 0.60 3.01 15.93
CA MET A 206 0.68 3.00 14.47
C MET A 206 2.07 2.60 13.99
N VAL A 207 3.08 3.23 14.57
CA VAL A 207 4.47 2.93 14.27
C VAL A 207 4.81 1.46 14.61
N ALA A 208 4.41 1.00 15.80
CA ALA A 208 4.66 -0.39 16.22
C ALA A 208 3.99 -1.40 15.28
N THR A 209 2.71 -1.16 14.98
CA THR A 209 1.92 -2.08 14.15
C THR A 209 2.50 -2.20 12.73
N ILE A 210 2.78 -1.08 12.07
CA ILE A 210 3.34 -1.09 10.72
C ILE A 210 4.72 -1.74 10.70
N GLY A 211 5.54 -1.40 11.69
CA GLY A 211 6.88 -1.99 11.83
C GLY A 211 6.86 -3.50 11.98
N GLU A 212 5.99 -3.99 12.87
CA GLU A 212 5.79 -5.41 13.09
C GLU A 212 5.31 -6.10 11.83
N ALA A 213 4.36 -5.47 11.13
CA ALA A 213 3.81 -6.08 9.93
C ALA A 213 4.87 -6.16 8.83
N VAL A 214 5.74 -5.17 8.72
CA VAL A 214 6.85 -5.24 7.75
C VAL A 214 7.74 -6.46 8.06
N MET A 215 8.07 -6.62 9.34
CA MET A 215 8.94 -7.72 9.78
C MET A 215 8.30 -9.08 9.53
N LYS A 216 6.98 -9.12 9.55
CA LYS A 216 6.25 -10.38 9.30
C LYS A 216 5.87 -10.60 7.84
N GLY A 217 6.33 -9.73 6.93
CA GLY A 217 6.05 -9.91 5.51
C GLY A 217 4.63 -9.58 5.07
N GLY A 218 3.95 -8.72 5.84
CA GLY A 218 2.59 -8.27 5.50
C GLY A 218 1.51 -9.21 6.02
N SER A 219 0.25 -8.86 5.76
CA SER A 219 -0.91 -9.62 6.16
C SER A 219 -1.57 -10.27 4.95
N THR A 220 -1.60 -11.60 4.94
CA THR A 220 -2.34 -12.36 3.95
C THR A 220 -3.71 -12.68 4.54
N VAL A 221 -4.72 -11.94 4.07
CA VAL A 221 -6.09 -12.10 4.56
C VAL A 221 -7.03 -12.62 3.48
N ARG A 222 -6.68 -12.38 2.22
CA ARG A 222 -7.47 -12.89 1.10
C ARG A 222 -6.60 -13.33 -0.05
N THR A 223 -5.89 -12.38 -0.67
CA THR A 223 -5.16 -12.65 -1.90
C THR A 223 -3.71 -12.15 -1.90
N TYR A 224 -3.27 -11.48 -0.83
CA TYR A 224 -1.92 -10.92 -0.87
C TYR A 224 -0.86 -12.01 -0.69
N VAL A 225 0.15 -11.99 -1.56
CA VAL A 225 1.39 -12.77 -1.41
C VAL A 225 2.58 -11.91 -1.86
N ASN A 226 3.79 -12.27 -1.41
CA ASN A 226 4.98 -11.55 -1.86
C ASN A 226 5.29 -11.97 -3.30
N THR A 227 6.37 -11.43 -3.87
CA THR A 227 6.70 -11.67 -5.28
C THR A 227 6.99 -13.14 -5.59
N GLN A 228 7.41 -13.90 -4.58
CA GLN A 228 7.65 -15.33 -4.73
C GLN A 228 6.40 -16.15 -4.46
N GLY A 229 5.26 -15.48 -4.26
CA GLY A 229 4.00 -16.14 -3.97
C GLY A 229 3.87 -16.64 -2.54
N GLU A 230 4.69 -16.10 -1.65
CA GLU A 230 4.64 -16.49 -0.25
C GLU A 230 3.70 -15.60 0.56
N ALA A 231 2.81 -16.24 1.31
CA ALA A 231 1.95 -15.49 2.23
C ALA A 231 2.78 -14.77 3.29
N GLY A 232 2.26 -13.64 3.76
CA GLY A 232 2.79 -12.99 4.94
C GLY A 232 2.31 -13.77 6.15
N THR A 233 2.73 -13.33 7.33
CA THR A 233 2.30 -13.98 8.59
C THR A 233 1.73 -13.01 9.58
N PHE A 234 1.68 -11.73 9.23
CA PHE A 234 1.09 -10.79 10.19
C PHE A 234 -0.40 -11.04 10.51
N GLN A 235 -1.12 -11.72 9.62
CA GLN A 235 -2.55 -12.01 9.87
C GLN A 235 -2.79 -12.80 11.18
N HIS A 236 -1.77 -13.50 11.67
CA HIS A 236 -1.88 -14.23 12.95
C HIS A 236 -1.71 -13.32 14.15
N HIS A 237 -1.38 -12.06 13.88
CA HIS A 237 -1.18 -11.08 14.94
C HIS A 237 -2.29 -10.01 14.99
N LEU A 238 -3.38 -10.24 14.22
CA LEU A 238 -4.49 -9.30 14.18
C LEU A 238 -5.39 -9.44 15.42
N TYR A 239 -5.71 -8.32 16.05
CA TYR A 239 -6.62 -8.33 17.18
C TYR A 239 -8.08 -8.22 16.77
N VAL A 240 -8.33 -7.46 15.71
CA VAL A 240 -9.72 -7.13 15.34
C VAL A 240 -10.08 -7.37 13.88
N TYR A 241 -9.18 -7.05 12.95
CA TYR A 241 -9.53 -7.12 11.53
C TYR A 241 -9.95 -8.52 11.13
N GLY A 242 -11.16 -8.63 10.59
CA GLY A 242 -11.70 -9.91 10.12
C GLY A 242 -12.14 -10.82 11.25
N ARG A 243 -12.12 -10.32 12.48
CA ARG A 243 -12.39 -11.17 13.67
C ARG A 243 -13.79 -10.98 14.26
N GLN A 244 -14.68 -10.31 13.52
CA GLN A 244 -16.04 -10.08 14.01
C GLN A 244 -16.71 -11.36 14.49
N GLY A 245 -17.34 -11.24 15.66
CA GLY A 245 -18.00 -12.35 16.31
C GLY A 245 -17.08 -13.26 17.11
N ASN A 246 -15.77 -13.11 16.93
CA ASN A 246 -14.83 -13.86 17.75
C ASN A 246 -14.47 -13.09 19.02
N PRO A 247 -14.03 -13.79 20.07
CA PRO A 247 -13.67 -13.10 21.30
C PRO A 247 -12.45 -12.22 21.10
N CYS A 248 -12.47 -11.05 21.73
CA CYS A 248 -11.27 -10.23 21.84
C CYS A 248 -10.15 -11.04 22.52
N LYS A 249 -8.95 -10.95 21.96
CA LYS A 249 -7.79 -11.68 22.49
C LYS A 249 -7.37 -11.14 23.86
N ARG A 250 -7.78 -9.91 24.16
CA ARG A 250 -7.41 -9.25 25.40
C ARG A 250 -8.46 -9.40 26.49
N CYS A 251 -9.74 -9.23 26.14
CA CYS A 251 -10.79 -9.22 27.17
C CYS A 251 -11.92 -10.25 26.96
N GLY A 252 -11.90 -10.94 25.82
CA GLY A 252 -12.92 -11.95 25.51
C GLY A 252 -14.26 -11.42 25.00
N THR A 253 -14.45 -10.10 24.96
CA THR A 253 -15.70 -9.51 24.44
C THR A 253 -15.76 -9.78 22.93
N PRO A 254 -16.95 -10.14 22.39
CA PRO A 254 -16.98 -10.38 20.92
C PRO A 254 -16.63 -9.13 20.13
N ILE A 255 -15.78 -9.30 19.13
CA ILE A 255 -15.39 -8.23 18.23
C ILE A 255 -16.61 -7.86 17.38
N GLU A 256 -16.82 -6.56 17.21
CA GLU A 256 -17.95 -6.06 16.45
C GLU A 256 -17.49 -5.52 15.11
N LYS A 257 -18.40 -5.51 14.14
CA LYS A 257 -18.10 -4.93 12.84
C LYS A 257 -19.20 -3.97 12.43
N THR A 258 -18.82 -2.79 11.96
CA THR A 258 -19.75 -1.80 11.45
C THR A 258 -19.15 -1.17 10.20
N VAL A 259 -19.80 -0.14 9.66
CA VAL A 259 -19.20 0.63 8.57
C VAL A 259 -18.84 2.02 9.11
N VAL A 260 -17.58 2.40 8.92
CA VAL A 260 -17.08 3.72 9.30
C VAL A 260 -16.23 4.21 8.15
N ALA A 261 -16.37 5.48 7.78
CA ALA A 261 -15.60 6.05 6.65
C ALA A 261 -15.75 5.23 5.37
N GLY A 262 -16.93 4.66 5.19
CA GLY A 262 -17.24 3.85 4.03
C GLY A 262 -16.57 2.48 3.98
N ARG A 263 -15.95 2.05 5.09
CA ARG A 263 -15.22 0.76 5.11
C ARG A 263 -15.72 -0.17 6.21
N GLY A 264 -15.59 -1.48 5.99
CA GLY A 264 -15.83 -2.47 7.05
C GLY A 264 -14.88 -2.14 8.17
N THR A 265 -15.38 -2.15 9.40
CA THR A 265 -14.63 -1.59 10.55
C THR A 265 -14.81 -2.50 11.74
N HIS A 266 -13.70 -2.95 12.30
CA HIS A 266 -13.69 -3.97 13.35
C HIS A 266 -13.16 -3.35 14.64
N TYR A 267 -13.81 -3.64 15.76
CA TYR A 267 -13.39 -3.03 17.04
C TYR A 267 -13.88 -3.88 18.21
N CYS A 268 -13.19 -3.74 19.33
CA CYS A 268 -13.67 -4.27 20.62
C CYS A 268 -14.35 -3.16 21.39
N PRO A 269 -15.66 -3.31 21.69
CA PRO A 269 -16.37 -2.23 22.35
C PRO A 269 -15.94 -2.07 23.82
N ARG A 270 -15.15 -2.99 24.37
CA ARG A 270 -14.66 -2.84 25.73
C ARG A 270 -13.25 -2.22 25.79
N CYS A 271 -12.34 -2.73 24.95
CA CYS A 271 -10.97 -2.24 24.95
C CYS A 271 -10.86 -0.85 24.33
N GLN A 272 -11.76 -0.53 23.40
CA GLN A 272 -11.73 0.78 22.73
C GLN A 272 -12.79 1.72 23.27
N ARG A 273 -12.39 2.98 23.50
CA ARG A 273 -13.25 3.98 24.13
C ARG A 273 -13.31 5.27 23.31
#